data_2FB6
#
_entry.id   2FB6
#
_cell.length_a   64.880
_cell.length_b   64.880
_cell.length_c   70.457
_cell.angle_alpha   90.00
_cell.angle_beta   90.00
_cell.angle_gamma   120.00
#
_symmetry.space_group_name_H-M   'H 3'
#
loop_
_entity.id
_entity.type
_entity.pdbx_description
1 polymer 'conserved hypothetical protein'
2 water water
#
_entity_poly.entity_id   1
_entity_poly.type   'polypeptide(L)'
_entity_poly.pdbx_seq_one_letter_code
;SNA(MSE)SANDKLTILWTTDNKDTVFN(MSE)LA(MSE)YALNSKNRGWWKHINIILWGASVKLVANDTQVQTEILE
(MSE)LQSGITIEACQDCCENFGVASIITNLGITVRY(MSE)GIPLTEYLKNGEKILSI
;
_entity_poly.pdbx_strand_id   A
#
# COMPACT_ATOMS: atom_id res chain seq x y z
N ASN A 2 -3.66 8.89 26.38
N ASN A 2 -5.31 8.42 25.32
CA ASN A 2 -4.24 7.73 25.64
CA ASN A 2 -3.87 8.09 25.59
C ASN A 2 -3.33 7.17 24.54
C ASN A 2 -3.20 7.27 24.49
N ALA A 3 -3.77 7.28 23.29
CA ALA A 3 -3.10 6.63 22.15
C ALA A 3 -1.68 7.14 22.04
N MSE A 4 -0.75 6.24 21.78
CA MSE A 4 0.65 6.64 21.74
C MSE A 4 1.15 6.92 20.33
O MSE A 4 2.27 7.44 20.16
CB MSE A 4 1.50 5.55 22.39
CG MSE A 4 1.38 5.52 23.92
SE MSE A 4 2.31 3.99 24.67
CE MSE A 4 0.94 2.67 24.18
N SER A 5 0.34 6.63 19.32
CA SER A 5 0.81 6.86 17.94
C SER A 5 -0.25 7.52 17.07
N ALA A 6 -1.14 8.30 17.67
N ALA A 6 -1.06 8.34 17.71
CA ALA A 6 -2.36 8.74 16.96
CA ALA A 6 -1.95 9.26 17.03
C ALA A 6 -2.12 9.64 15.73
C ALA A 6 -1.09 10.19 16.19
N ASN A 7 -0.97 10.29 15.66
N ASN A 7 -1.46 10.34 14.92
CA ASN A 7 -0.69 11.14 14.51
CA ASN A 7 -0.75 11.26 14.07
C ASN A 7 0.53 10.68 13.72
C ASN A 7 0.55 10.65 13.54
N ASP A 8 0.85 9.39 13.84
CA ASP A 8 2.07 8.78 13.31
C ASP A 8 1.90 7.78 12.15
N LYS A 9 0.66 7.58 11.70
CA LYS A 9 0.38 6.64 10.61
C LYS A 9 -0.30 7.30 9.43
N LEU A 10 0.21 6.97 8.24
CA LEU A 10 -0.47 7.35 7.00
C LEU A 10 -0.93 6.10 6.26
N THR A 11 -2.16 6.11 5.76
CA THR A 11 -2.68 5.05 4.90
C THR A 11 -2.91 5.61 3.50
N ILE A 12 -2.48 4.84 2.51
CA ILE A 12 -2.77 5.22 1.14
C ILE A 12 -3.64 4.12 0.55
N LEU A 13 -4.84 4.50 0.08
CA LEU A 13 -5.67 3.59 -0.69
C LEU A 13 -5.28 3.76 -2.16
N TRP A 14 -4.54 2.79 -2.68
CA TRP A 14 -3.99 2.88 -4.02
C TRP A 14 -4.92 2.12 -4.98
N THR A 15 -5.69 2.88 -5.75
CA THR A 15 -6.60 2.29 -6.75
C THR A 15 -6.11 2.51 -8.17
N THR A 16 -5.34 3.58 -8.38
CA THR A 16 -5.01 4.01 -9.75
C THR A 16 -4.03 3.08 -10.46
N ASP A 17 -4.18 2.98 -11.78
CA ASP A 17 -3.15 2.33 -12.58
C ASP A 17 -2.41 3.35 -13.46
N ASN A 18 -2.51 4.63 -13.12
CA ASN A 18 -1.76 5.65 -13.83
C ASN A 18 -0.29 5.59 -13.39
N LYS A 19 0.59 5.14 -14.27
CA LYS A 19 2.00 4.98 -13.90
C LYS A 19 2.67 6.29 -13.51
N ASP A 20 2.34 7.40 -14.17
CA ASP A 20 2.94 8.69 -13.82
C ASP A 20 2.65 9.03 -12.37
N THR A 21 1.41 8.81 -11.94
CA THR A 21 1.05 9.09 -10.57
C THR A 21 1.65 8.07 -9.58
N VAL A 22 1.68 6.79 -9.98
CA VAL A 22 2.29 5.77 -9.12
C VAL A 22 3.75 6.07 -8.83
N PHE A 23 4.53 6.38 -9.87
CA PHE A 23 5.95 6.53 -9.63
C PHE A 23 6.24 7.88 -8.98
N ASN A 24 5.65 8.93 -9.55
CA ASN A 24 6.06 10.30 -9.20
C ASN A 24 5.37 10.92 -8.02
N MSE A 25 4.27 10.32 -7.59
CA MSE A 25 3.54 10.85 -6.44
C MSE A 25 3.56 9.78 -5.35
O MSE A 25 4.21 9.95 -4.31
CB MSE A 25 2.12 11.26 -6.83
CG MSE A 25 1.42 12.17 -5.82
SE MSE A 25 0.70 11.17 -4.30
CE MSE A 25 1.58 12.18 -2.87
N LEU A 26 2.91 8.66 -5.63
CA LEU A 26 2.62 7.69 -4.60
C LEU A 26 3.90 7.06 -4.02
N ALA A 27 4.71 6.43 -4.88
CA ALA A 27 5.90 5.74 -4.39
C ALA A 27 6.94 6.71 -3.86
N MSE A 28 7.13 7.83 -4.56
CA MSE A 28 8.12 8.79 -4.10
CA MSE A 28 8.11 8.84 -4.13
C MSE A 28 7.78 9.37 -2.73
O MSE A 28 8.65 9.46 -1.84
CB MSE A 28 8.28 9.91 -5.11
CB MSE A 28 8.23 9.99 -5.17
CG MSE A 28 9.44 10.78 -4.76
CG MSE A 28 7.76 11.39 -4.72
SE MSE A 28 9.62 12.10 -6.10
SE MSE A 28 8.43 12.93 -5.77
CE MSE A 28 8.23 13.37 -5.50
CE MSE A 28 10.20 12.27 -6.02
N TYR A 29 6.51 9.72 -2.51
CA TYR A 29 6.17 10.28 -1.20
C TYR A 29 6.23 9.21 -0.12
N ALA A 30 5.76 8.01 -0.42
CA ALA A 30 5.73 6.96 0.59
C ALA A 30 7.16 6.58 1.01
N LEU A 31 8.02 6.39 0.01
CA LEU A 31 9.41 5.98 0.29
C LEU A 31 10.16 7.04 1.08
N ASN A 32 10.05 8.29 0.64
CA ASN A 32 10.77 9.36 1.32
C ASN A 32 10.21 9.57 2.73
N SER A 33 8.89 9.52 2.86
CA SER A 33 8.26 9.65 4.16
C SER A 33 8.77 8.61 5.15
N LYS A 34 8.84 7.36 4.69
CA LYS A 34 9.27 6.26 5.56
CA LYS A 34 9.27 6.26 5.56
C LYS A 34 10.76 6.40 5.90
N ASN A 35 11.56 6.62 4.87
CA ASN A 35 13.01 6.68 5.08
C ASN A 35 13.46 7.88 5.93
N ARG A 36 12.73 8.99 5.85
CA ARG A 36 13.11 10.21 6.57
CA ARG A 36 13.11 10.20 6.57
C ARG A 36 12.38 10.38 7.90
N GLY A 37 11.40 9.52 8.15
CA GLY A 37 10.71 9.53 9.43
C GLY A 37 9.59 10.56 9.50
N TRP A 38 9.14 11.03 8.33
CA TRP A 38 7.99 11.94 8.31
C TRP A 38 6.72 11.25 8.79
N TRP A 39 6.60 9.97 8.47
CA TRP A 39 5.56 9.11 9.00
C TRP A 39 6.23 7.90 9.60
N LYS A 40 5.93 7.57 10.85
CA LYS A 40 6.52 6.39 11.47
C LYS A 40 5.95 5.09 10.88
N HIS A 41 4.69 5.15 10.45
CA HIS A 41 4.00 3.98 9.90
C HIS A 41 3.34 4.38 8.62
N ILE A 42 3.50 3.56 7.57
CA ILE A 42 2.80 3.81 6.31
C ILE A 42 2.26 2.48 5.82
N ASN A 43 0.95 2.45 5.62
CA ASN A 43 0.27 1.27 5.08
CA ASN A 43 0.30 1.26 5.06
C ASN A 43 -0.34 1.60 3.73
N ILE A 44 -0.11 0.72 2.75
CA ILE A 44 -0.66 0.94 1.41
C ILE A 44 -1.63 -0.20 1.11
N ILE A 45 -2.82 0.16 0.67
CA ILE A 45 -3.86 -0.81 0.31
C ILE A 45 -3.98 -0.85 -1.22
N LEU A 46 -3.71 -2.01 -1.79
CA LEU A 46 -3.87 -2.22 -3.23
CA LEU A 46 -3.85 -2.21 -3.22
C LEU A 46 -5.27 -2.75 -3.51
N TRP A 47 -6.09 -1.96 -4.20
CA TRP A 47 -7.48 -2.35 -4.40
C TRP A 47 -8.01 -1.61 -5.62
N GLY A 48 -8.42 -2.37 -6.63
CA GLY A 48 -8.91 -1.76 -7.88
C GLY A 48 -7.96 -2.00 -9.04
N ALA A 49 -7.90 -1.05 -9.98
CA ALA A 49 -7.09 -1.19 -11.20
C ALA A 49 -5.60 -1.43 -10.88
N SER A 50 -5.18 -0.85 -9.76
CA SER A 50 -3.80 -1.02 -9.29
C SER A 50 -3.35 -2.47 -9.10
N VAL A 51 -4.27 -3.36 -8.74
CA VAL A 51 -3.91 -4.73 -8.48
C VAL A 51 -3.41 -5.41 -9.77
N LYS A 52 -4.10 -5.12 -10.87
CA LYS A 52 -3.68 -5.62 -12.19
CA LYS A 52 -3.69 -5.62 -12.19
C LYS A 52 -2.34 -5.01 -12.58
N LEU A 53 -2.15 -3.71 -12.32
CA LEU A 53 -0.89 -3.07 -12.65
C LEU A 53 0.29 -3.71 -11.92
N VAL A 54 0.17 -3.89 -10.61
CA VAL A 54 1.25 -4.47 -9.83
C VAL A 54 1.55 -5.89 -10.30
N ALA A 55 0.50 -6.65 -10.62
CA ALA A 55 0.69 -8.04 -11.02
C ALA A 55 1.46 -8.18 -12.32
N ASN A 56 1.29 -7.19 -13.19
CA ASN A 56 1.75 -7.30 -14.57
C ASN A 56 2.96 -6.46 -14.94
N ASP A 57 3.29 -5.45 -14.14
CA ASP A 57 4.31 -4.48 -14.55
C ASP A 57 5.57 -4.61 -13.72
N THR A 58 6.65 -5.08 -14.35
CA THR A 58 7.87 -5.34 -13.61
CA THR A 58 7.93 -5.32 -13.68
C THR A 58 8.50 -4.08 -13.03
N GLN A 59 8.38 -2.93 -13.71
CA GLN A 59 8.89 -1.67 -13.16
C GLN A 59 8.16 -1.29 -11.87
N VAL A 60 6.83 -1.47 -11.86
CA VAL A 60 6.06 -1.24 -10.63
C VAL A 60 6.49 -2.23 -9.53
N GLN A 61 6.71 -3.50 -9.89
CA GLN A 61 7.18 -4.48 -8.89
C GLN A 61 8.48 -4.07 -8.22
N THR A 62 9.40 -3.51 -8.98
CA THR A 62 10.64 -3.00 -8.39
C THR A 62 10.37 -1.97 -7.31
N GLU A 63 9.43 -1.05 -7.56
CA GLU A 63 9.05 -0.07 -6.52
C GLU A 63 8.43 -0.75 -5.31
N ILE A 64 7.56 -1.74 -5.54
CA ILE A 64 6.92 -2.48 -4.46
C ILE A 64 7.98 -3.07 -3.54
N LEU A 65 9.00 -3.70 -4.13
CA LEU A 65 10.06 -4.32 -3.35
CA LEU A 65 10.06 -4.33 -3.36
C LEU A 65 10.84 -3.31 -2.53
N GLU A 66 11.14 -2.15 -3.12
CA GLU A 66 11.85 -1.10 -2.38
CA GLU A 66 11.83 -1.09 -2.39
C GLU A 66 10.99 -0.59 -1.23
N MSE A 67 9.70 -0.43 -1.49
CA MSE A 67 8.82 0.05 -0.41
C MSE A 67 8.77 -0.96 0.72
O MSE A 67 8.90 -0.59 1.89
CB MSE A 67 7.42 0.38 -0.96
CG MSE A 67 7.43 1.68 -1.74
SE MSE A 67 5.67 2.32 -2.21
CE MSE A 67 5.49 1.14 -3.37
N LEU A 68 8.62 -2.24 0.39
CA LEU A 68 8.59 -3.26 1.44
C LEU A 68 9.90 -3.30 2.25
N GLN A 69 11.02 -3.12 1.56
CA GLN A 69 12.33 -3.14 2.23
CA GLN A 69 12.33 -3.14 2.24
C GLN A 69 12.46 -1.97 3.21
N SER A 70 11.81 -0.85 2.91
CA SER A 70 11.88 0.31 3.79
C SER A 70 11.00 0.18 5.03
N GLY A 71 10.12 -0.82 5.06
CA GLY A 71 9.22 -1.00 6.20
C GLY A 71 7.81 -0.50 6.00
N ILE A 72 7.50 0.01 4.81
CA ILE A 72 6.12 0.29 4.44
C ILE A 72 5.38 -1.04 4.35
N THR A 73 4.18 -1.12 4.91
CA THR A 73 3.39 -2.35 4.80
C THR A 73 2.48 -2.22 3.58
N ILE A 74 2.24 -3.32 2.88
CA ILE A 74 1.39 -3.31 1.68
C ILE A 74 0.46 -4.52 1.74
N GLU A 75 -0.84 -4.29 1.59
CA GLU A 75 -1.84 -5.35 1.61
C GLU A 75 -2.74 -5.17 0.41
N ALA A 76 -3.21 -6.28 -0.14
CA ALA A 76 -4.03 -6.24 -1.34
C ALA A 76 -5.35 -6.94 -1.10
N CYS A 77 -6.39 -6.39 -1.71
CA CYS A 77 -7.72 -6.96 -1.65
C CYS A 77 -7.72 -8.38 -2.19
N GLN A 78 -8.05 -9.36 -1.35
CA GLN A 78 -8.06 -10.75 -1.77
C GLN A 78 -9.13 -11.03 -2.82
N ASP A 79 -10.29 -10.36 -2.72
CA ASP A 79 -11.31 -10.50 -3.77
C ASP A 79 -10.75 -10.06 -5.12
N CYS A 80 -10.10 -8.90 -5.16
CA CYS A 80 -9.46 -8.44 -6.41
C CYS A 80 -8.43 -9.41 -6.92
N CYS A 81 -7.54 -9.86 -6.03
CA CYS A 81 -6.50 -10.82 -6.43
C CYS A 81 -7.11 -12.09 -7.01
N GLU A 82 -8.18 -12.55 -6.38
CA GLU A 82 -8.83 -13.79 -6.85
C GLU A 82 -9.59 -13.54 -8.15
N ASN A 83 -10.27 -12.40 -8.24
CA ASN A 83 -11.02 -12.09 -9.47
C ASN A 83 -10.14 -11.87 -10.69
N PHE A 84 -8.98 -11.26 -10.46
CA PHE A 84 -8.02 -11.01 -11.52
C PHE A 84 -7.07 -12.19 -11.73
N GLY A 85 -7.11 -13.18 -10.84
CA GLY A 85 -6.27 -14.39 -10.95
C GLY A 85 -4.78 -14.18 -10.68
N VAL A 86 -4.47 -13.31 -9.72
CA VAL A 86 -3.08 -12.91 -9.46
C VAL A 86 -2.64 -13.06 -8.01
N ALA A 87 -3.42 -13.74 -7.18
CA ALA A 87 -3.05 -13.86 -5.76
C ALA A 87 -1.64 -14.42 -5.55
N SER A 88 -1.25 -15.43 -6.33
CA SER A 88 0.08 -16.03 -6.18
CA SER A 88 0.08 -16.02 -6.17
C SER A 88 1.18 -15.01 -6.50
N ILE A 89 0.98 -14.24 -7.58
CA ILE A 89 1.95 -13.21 -8.00
C ILE A 89 2.10 -12.16 -6.89
N ILE A 90 0.96 -11.70 -6.36
CA ILE A 90 0.96 -10.63 -5.37
C ILE A 90 1.61 -11.11 -4.06
N THR A 91 1.24 -12.31 -3.60
CA THR A 91 1.81 -12.90 -2.39
CA THR A 91 1.83 -12.82 -2.36
C THR A 91 3.32 -13.08 -2.54
N ASN A 92 3.74 -13.52 -3.72
CA ASN A 92 5.17 -13.75 -4.00
CA ASN A 92 5.17 -13.76 -4.00
C ASN A 92 6.02 -12.48 -3.96
N LEU A 93 5.38 -11.32 -4.14
CA LEU A 93 6.08 -10.03 -4.03
C LEU A 93 6.26 -9.62 -2.59
N GLY A 94 5.62 -10.34 -1.66
CA GLY A 94 5.70 -10.00 -0.26
C GLY A 94 4.56 -9.13 0.25
N ILE A 95 3.54 -8.97 -0.60
CA ILE A 95 2.33 -8.22 -0.24
C ILE A 95 1.37 -9.15 0.52
N THR A 96 0.74 -8.60 1.55
CA THR A 96 -0.26 -9.36 2.32
C THR A 96 -1.57 -9.38 1.55
N VAL A 97 -2.08 -10.58 1.28
CA VAL A 97 -3.35 -10.69 0.60
C VAL A 97 -4.39 -11.12 1.62
N ARG A 98 -5.43 -10.30 1.79
CA ARG A 98 -6.50 -10.63 2.72
C ARG A 98 -7.79 -9.94 2.33
N TYR A 99 -8.90 -10.42 2.90
CA TYR A 99 -10.19 -9.77 2.62
C TYR A 99 -10.19 -8.39 3.27
N MSE A 100 -10.45 -7.35 2.47
CA MSE A 100 -10.14 -5.98 2.87
C MSE A 100 -11.31 -5.15 3.39
O MSE A 100 -11.12 -4.02 3.79
CB MSE A 100 -9.46 -5.22 1.70
CG MSE A 100 -7.98 -5.47 1.59
SE MSE A 100 -7.02 -4.91 3.19
CE MSE A 100 -7.62 -3.12 3.42
N GLY A 101 -12.52 -5.74 3.38
CA GLY A 101 -13.70 -4.97 3.77
C GLY A 101 -13.68 -4.51 5.22
N ILE A 102 -13.39 -5.43 6.12
CA ILE A 102 -13.31 -5.09 7.54
C ILE A 102 -12.13 -4.15 7.82
N PRO A 103 -10.92 -4.49 7.36
CA PRO A 103 -9.82 -3.55 7.59
C PRO A 103 -10.09 -2.12 7.10
N LEU A 104 -10.58 -1.94 5.88
CA LEU A 104 -10.82 -0.58 5.40
C LEU A 104 -11.85 0.13 6.27
N THR A 105 -12.91 -0.59 6.61
CA THR A 105 -13.94 -0.04 7.49
C THR A 105 -13.30 0.42 8.79
N GLU A 106 -12.47 -0.42 9.39
CA GLU A 106 -11.82 -0.06 10.64
CA GLU A 106 -11.83 -0.06 10.65
C GLU A 106 -10.93 1.17 10.49
N TYR A 107 -10.16 1.22 9.41
CA TYR A 107 -9.27 2.36 9.20
C TYR A 107 -10.09 3.64 9.13
N LEU A 108 -11.20 3.61 8.42
CA LEU A 108 -12.05 4.79 8.29
C LEU A 108 -12.68 5.16 9.63
N LYS A 109 -13.20 4.15 10.33
CA LYS A 109 -13.87 4.36 11.65
C LYS A 109 -12.93 4.93 12.68
N ASN A 110 -11.65 4.54 12.58
CA ASN A 110 -10.62 5.00 13.53
C ASN A 110 -10.13 6.42 13.23
N GLY A 111 -10.63 7.02 12.16
CA GLY A 111 -10.25 8.38 11.78
C GLY A 111 -8.86 8.44 11.19
N GLU A 112 -8.44 7.37 10.51
CA GLU A 112 -7.13 7.37 9.88
C GLU A 112 -6.95 8.47 8.85
N LYS A 113 -5.70 8.87 8.66
CA LYS A 113 -5.37 9.75 7.56
CA LYS A 113 -5.35 9.75 7.57
C LYS A 113 -5.17 8.86 6.34
N ILE A 114 -6.05 9.03 5.36
CA ILE A 114 -6.09 8.17 4.17
C ILE A 114 -6.06 9.03 2.92
N LEU A 115 -5.01 8.86 2.12
CA LEU A 115 -4.98 9.45 0.79
C LEU A 115 -5.54 8.41 -0.14
N SER A 116 -6.63 8.76 -0.81
CA SER A 116 -7.22 7.84 -1.78
CA SER A 116 -7.25 7.86 -1.79
C SER A 116 -6.76 8.23 -3.18
N ILE A 117 -5.88 7.39 -3.72
CA ILE A 117 -5.27 7.61 -5.02
C ILE A 117 -5.62 6.36 -5.84
#